data_6OHA
#
_entry.id   6OHA
#
_cell.length_a   106.812
_cell.length_b   106.812
_cell.length_c   114.178
_cell.angle_alpha   90.000
_cell.angle_beta   90.000
_cell.angle_gamma   90.000
#
_symmetry.space_group_name_H-M   'P 43 2 2'
#
loop_
_entity.id
_entity.type
_entity.pdbx_description
1 polymer 'Probable guanine deaminase'
2 non-polymer XANTHINE
3 non-polymer 'ZINC ION'
4 non-polymer 'PENTAETHYLENE GLYCOL'
5 non-polymer 'SULFATE ION'
6 water water
#
_entity_poly.entity_id   1
_entity_poly.type   'polypeptide(L)'
_entity_poly.pdbx_seq_one_letter_code
;MTKSDLLFDKFNDKHGKFLVFFGTFVDTPKLGELRIREKTSVGVLNGIIRFVNRNSLDPVKDCLDHDSSLSPEDVTVVDI
IGKDKTRNNSFYFPGFVDTHNHVSQYPNVGVFGNSTLLDWLEKYTFPIEAALANENIAREVYNKVISKTLSHGTTTVAYY
NTIDLKSTKLLAQLSSLLGQRVLVGKVCMDTNGPEYYIEDTKTSFESTVKVVKYIRETICDPLVNPIVTPRFAPSCSREL
MQQLSKLVKDENIHVQTHLSENKEEIQWVQDLFPECESYTDVYDKYGLLTEKTVLAHCIHLTDAEARVIKQRRCGISHCP
ISNSSLTSGECRVRWLLDQGIKVGLGTDVSAGHSCSILTTGRQAFAVSRHLAMRETDHAKLSVSECLFLATMGGAQVLRM
DETLGTFDVGKQFDAQMIDTNAPGSNVDMFHWQLKEKDQMQEQEQEQGQDPYKNPPLLTNEDIIAKWFFNGDDRNTTKVW
VAGQQVYQI
;
_entity_poly.pdbx_strand_id   A
#
loop_
_chem_comp.id
_chem_comp.type
_chem_comp.name
_chem_comp.formula
1PE non-polymer 'PENTAETHYLENE GLYCOL' 'C10 H22 O6'
SO4 non-polymer 'SULFATE ION' 'O4 S -2'
XAN non-polymer XANTHINE 'C5 H4 N4 O2'
ZN non-polymer 'ZINC ION' 'Zn 2'
#
# COMPACT_ATOMS: atom_id res chain seq x y z
N ASP A 13 4.37 23.25 -8.74
CA ASP A 13 5.62 22.88 -8.09
C ASP A 13 5.84 23.73 -6.82
N LYS A 14 5.82 23.05 -5.67
CA LYS A 14 5.92 23.71 -4.38
C LYS A 14 7.34 23.71 -3.83
N HIS A 15 8.32 23.24 -4.62
CA HIS A 15 9.68 23.14 -4.14
C HIS A 15 10.28 24.54 -3.95
N GLY A 16 10.89 24.77 -2.79
CA GLY A 16 11.38 26.09 -2.43
C GLY A 16 10.34 27.02 -1.84
N LYS A 17 9.09 26.59 -1.74
CA LYS A 17 7.99 27.42 -1.23
C LYS A 17 7.57 26.84 0.12
N PHE A 18 7.65 27.66 1.16
CA PHE A 18 7.27 27.21 2.48
C PHE A 18 5.75 27.18 2.57
N LEU A 19 5.20 25.99 2.85
CA LEU A 19 3.76 25.75 2.92
C LEU A 19 3.35 25.62 4.37
N VAL A 20 2.18 26.13 4.69
CA VAL A 20 1.58 25.84 5.98
C VAL A 20 0.13 25.48 5.71
N PHE A 21 -0.28 24.30 6.16
CA PHE A 21 -1.63 23.79 6.02
C PHE A 21 -2.30 24.01 7.37
N PHE A 22 -3.46 24.64 7.37
CA PHE A 22 -4.18 24.91 8.61
C PHE A 22 -5.51 24.18 8.58
N GLY A 23 -5.81 23.48 9.64
CA GLY A 23 -7.12 22.87 9.75
C GLY A 23 -7.10 21.72 10.73
N THR A 24 -7.95 20.75 10.45
CA THR A 24 -8.02 19.56 11.28
C THR A 24 -7.19 18.47 10.64
N PHE A 25 -6.29 17.89 11.41
CA PHE A 25 -5.41 16.83 10.98
C PHE A 25 -5.72 15.57 11.75
N VAL A 26 -5.99 14.51 11.02
CA VAL A 26 -6.33 13.22 11.62
C VAL A 26 -5.28 12.22 11.22
N ASP A 27 -4.77 11.46 12.18
CA ASP A 27 -3.82 10.40 11.84
C ASP A 27 -3.80 9.38 12.97
N THR A 28 -3.00 8.34 12.80
CA THR A 28 -2.95 7.21 13.73
C THR A 28 -1.52 6.90 14.12
N PRO A 29 -0.96 7.65 15.07
CA PRO A 29 0.45 7.42 15.43
C PRO A 29 0.72 6.08 16.06
N LYS A 30 -0.24 5.49 16.76
CA LYS A 30 -0.03 4.17 17.36
C LYS A 30 -1.26 3.34 17.09
N LEU A 31 -1.06 2.04 16.86
CA LEU A 31 -2.20 1.14 16.67
C LEU A 31 -3.29 1.36 17.72
N GLY A 32 -4.48 1.68 17.29
CA GLY A 32 -5.58 1.81 18.18
C GLY A 32 -5.92 3.23 18.58
N GLU A 33 -5.05 4.18 18.30
CA GLU A 33 -5.34 5.54 18.66
C GLU A 33 -5.62 6.32 17.39
N LEU A 34 -6.51 7.30 17.53
CA LEU A 34 -6.96 8.17 16.44
C LEU A 34 -6.69 9.58 16.94
N ARG A 35 -5.65 10.20 16.42
CA ARG A 35 -5.22 11.51 16.87
C ARG A 35 -5.89 12.56 15.99
N ILE A 36 -6.66 13.44 16.62
CA ILE A 36 -7.44 14.46 15.92
C ILE A 36 -6.95 15.80 16.44
N ARG A 37 -6.39 16.61 15.56
CA ARG A 37 -5.77 17.87 15.93
C ARG A 37 -6.49 18.95 15.15
N GLU A 38 -7.36 19.70 15.84
CA GLU A 38 -8.16 20.76 15.26
C GLU A 38 -7.37 22.04 15.27
N LYS A 39 -7.74 22.96 14.39
CA LYS A 39 -7.16 24.30 14.36
C LYS A 39 -5.64 24.19 14.50
N THR A 40 -5.08 23.34 13.66
CA THR A 40 -3.67 23.00 13.75
C THR A 40 -2.99 23.47 12.47
N SER A 41 -1.75 23.91 12.61
CA SER A 41 -0.94 24.34 11.48
CA SER A 41 -0.93 24.35 11.48
C SER A 41 0.19 23.34 11.29
N VAL A 42 0.36 22.88 10.07
CA VAL A 42 1.43 21.95 9.73
C VAL A 42 2.30 22.61 8.68
N GLY A 43 3.55 22.91 9.03
CA GLY A 43 4.46 23.51 8.07
C GLY A 43 5.15 22.42 7.23
N VAL A 44 5.21 22.66 5.92
CA VAL A 44 5.75 21.71 4.95
C VAL A 44 6.69 22.47 4.04
N LEU A 45 7.89 21.94 3.86
CA LEU A 45 8.87 22.55 2.97
C LEU A 45 9.58 21.47 2.18
N ASN A 46 9.48 21.52 0.86
CA ASN A 46 10.15 20.55 0.02
C ASN A 46 9.77 19.14 0.42
N GLY A 47 8.45 18.96 0.64
CA GLY A 47 7.87 17.66 0.91
C GLY A 47 8.01 17.18 2.32
N ILE A 48 8.63 17.93 3.21
CA ILE A 48 8.87 17.48 4.57
C ILE A 48 8.16 18.39 5.56
N ILE A 49 7.52 17.75 6.54
CA ILE A 49 6.81 18.44 7.60
C ILE A 49 7.83 19.00 8.56
N ARG A 50 7.73 20.30 8.82
CA ARG A 50 8.71 20.99 9.64
C ARG A 50 8.20 21.30 11.02
N PHE A 51 6.90 21.48 11.20
CA PHE A 51 6.33 21.71 12.53
C PHE A 51 4.86 21.35 12.49
N VAL A 52 4.33 21.03 13.65
CA VAL A 52 2.92 20.76 13.84
C VAL A 52 2.55 21.53 15.11
N ASN A 53 1.84 22.61 14.96
CA ASN A 53 1.45 23.39 16.13
C ASN A 53 -0.11 23.39 16.30
N ARG A 54 -0.57 22.69 17.32
CA ARG A 54 -1.97 22.70 17.75
C ARG A 54 -2.36 24.07 18.25
N ASN A 55 -3.60 24.43 17.95
CA ASN A 55 -4.13 25.72 18.32
C ASN A 55 -3.25 26.83 17.76
N SER A 56 -3.01 26.79 16.45
CA SER A 56 -2.31 27.88 15.77
C SER A 56 -3.32 29.01 15.58
N LEU A 57 -2.94 30.21 16.00
CA LEU A 57 -3.73 31.40 15.70
C LEU A 57 -3.16 32.18 14.52
N ASP A 58 -1.90 31.92 14.16
CA ASP A 58 -1.23 32.64 13.09
C ASP A 58 -0.35 31.65 12.33
N PRO A 59 -0.89 31.06 11.26
CA PRO A 59 -0.09 30.05 10.52
C PRO A 59 1.18 30.65 9.90
N VAL A 60 1.06 31.83 9.28
CA VAL A 60 2.25 32.48 8.71
C VAL A 60 3.31 32.66 9.80
N LYS A 61 2.90 33.23 10.93
CA LYS A 61 3.85 33.50 12.00
C LYS A 61 4.46 32.21 12.52
N ASP A 62 3.66 31.13 12.58
CA ASP A 62 4.21 29.84 12.97
C ASP A 62 5.39 29.49 12.06
N CYS A 63 5.32 29.88 10.79
CA CYS A 63 6.45 29.61 9.89
C CYS A 63 7.61 30.55 10.18
N LEU A 64 7.33 31.85 10.25
CA LEU A 64 8.38 32.81 10.58
C LEU A 64 9.05 32.46 11.90
N ASP A 65 8.26 32.01 12.88
CA ASP A 65 8.82 31.61 14.17
C ASP A 65 9.72 30.41 14.00
N HIS A 66 9.35 29.50 13.10
CA HIS A 66 10.13 28.29 12.87
C HIS A 66 11.45 28.58 12.19
N ASP A 67 11.48 29.56 11.27
CA ASP A 67 12.68 29.80 10.46
C ASP A 67 12.81 31.29 10.21
N SER A 68 13.78 31.94 10.87
CA SER A 68 13.91 33.39 10.78
C SER A 68 14.37 33.87 9.41
N SER A 69 14.91 32.97 8.57
CA SER A 69 15.27 33.30 7.20
C SER A 69 14.04 33.53 6.34
N LEU A 70 12.85 33.22 6.85
CA LEU A 70 11.63 33.38 6.08
C LEU A 70 11.02 34.76 6.31
N SER A 71 10.27 35.22 5.31
CA SER A 71 9.46 36.42 5.34
C SER A 71 8.06 36.03 4.95
N PRO A 72 7.06 36.85 5.28
CA PRO A 72 5.68 36.51 4.91
C PRO A 72 5.49 36.14 3.46
N GLU A 73 6.25 36.75 2.55
CA GLU A 73 6.11 36.44 1.13
C GLU A 73 6.56 35.02 0.80
N ASP A 74 7.36 34.40 1.65
CA ASP A 74 7.85 33.05 1.35
C ASP A 74 6.85 31.97 1.76
N VAL A 75 5.75 32.34 2.44
CA VAL A 75 4.83 31.39 3.04
C VAL A 75 3.56 31.34 2.21
N THR A 76 3.12 30.13 1.91
CA THR A 76 1.82 29.90 1.26
C THR A 76 0.90 29.23 2.26
N VAL A 77 -0.18 29.91 2.66
CA VAL A 77 -1.16 29.30 3.55
C VAL A 77 -2.12 28.47 2.73
N VAL A 78 -2.41 27.26 3.20
CA VAL A 78 -3.48 26.43 2.66
C VAL A 78 -4.52 26.24 3.76
N ASP A 79 -5.75 26.70 3.50
CA ASP A 79 -6.85 26.64 4.45
C ASP A 79 -7.73 25.43 4.14
N ILE A 80 -7.68 24.43 5.02
CA ILE A 80 -8.65 23.33 5.01
C ILE A 80 -10.12 23.75 4.98
N ASN A 88 -14.89 22.96 8.53
CA ASN A 88 -16.03 22.37 9.24
C ASN A 88 -16.15 20.84 9.06
N ASN A 89 -16.47 20.42 7.84
CA ASN A 89 -16.62 19.02 7.51
C ASN A 89 -15.34 18.36 6.98
N SER A 90 -14.18 18.97 7.17
CA SER A 90 -13.03 18.60 6.39
C SER A 90 -11.80 18.44 7.28
N PHE A 91 -10.98 17.48 6.91
CA PHE A 91 -9.74 17.23 7.62
C PHE A 91 -8.73 16.67 6.63
N TYR A 92 -7.49 16.78 7.04
CA TYR A 92 -6.40 16.12 6.38
C TYR A 92 -6.20 14.76 7.01
N PHE A 93 -5.91 13.79 6.17
CA PHE A 93 -5.60 12.45 6.62
C PHE A 93 -4.37 11.99 5.86
N PRO A 94 -3.51 11.18 6.46
CA PRO A 94 -2.37 10.66 5.70
C PRO A 94 -2.83 9.97 4.42
N GLY A 95 -1.99 10.03 3.39
CA GLY A 95 -2.22 9.20 2.25
C GLY A 95 -2.27 7.74 2.66
N PHE A 96 -3.13 7.01 1.98
CA PHE A 96 -3.18 5.58 2.22
C PHE A 96 -1.96 4.91 1.61
N VAL A 97 -1.58 3.79 2.22
CA VAL A 97 -0.52 2.93 1.71
C VAL A 97 -1.14 1.61 1.26
N ASP A 98 -0.96 1.29 -0.01
CA ASP A 98 -1.41 0.04 -0.63
C ASP A 98 -0.18 -0.85 -0.75
N THR A 99 -0.04 -1.78 0.15
CA THR A 99 1.18 -2.56 0.17
C THR A 99 1.16 -3.69 -0.85
N HIS A 100 0.10 -3.84 -1.65
CA HIS A 100 0.05 -4.96 -2.59
C HIS A 100 -1.00 -4.75 -3.68
N ASN A 101 -0.56 -4.48 -4.90
CA ASN A 101 -1.46 -4.09 -5.99
C ASN A 101 -0.87 -4.58 -7.31
N HIS A 102 -1.59 -5.47 -8.00
CA HIS A 102 -1.14 -5.93 -9.32
C HIS A 102 -1.76 -4.99 -10.33
N VAL A 103 -1.08 -3.86 -10.58
CA VAL A 103 -1.62 -2.84 -11.46
C VAL A 103 -1.98 -3.47 -12.81
N SER A 104 -1.14 -4.41 -13.27
CA SER A 104 -1.34 -5.06 -14.55
C SER A 104 -2.64 -5.86 -14.64
N GLN A 105 -3.21 -6.25 -13.53
CA GLN A 105 -4.45 -7.02 -13.54
C GLN A 105 -5.70 -6.14 -13.49
N TYR A 106 -5.52 -4.84 -13.36
CA TYR A 106 -6.64 -3.93 -13.19
C TYR A 106 -7.79 -4.15 -14.17
N PRO A 107 -7.56 -4.41 -15.44
CA PRO A 107 -8.69 -4.64 -16.35
C PRO A 107 -9.65 -5.72 -15.87
N ASN A 108 -9.22 -6.59 -14.96
CA ASN A 108 -10.05 -7.70 -14.54
C ASN A 108 -10.73 -7.49 -13.18
N VAL A 109 -10.71 -6.28 -12.61
CA VAL A 109 -11.37 -6.09 -11.34
C VAL A 109 -12.84 -6.44 -11.51
N GLY A 110 -13.38 -7.17 -10.52
CA GLY A 110 -14.74 -7.65 -10.59
C GLY A 110 -14.91 -8.91 -11.39
N VAL A 111 -13.89 -9.35 -12.08
CA VAL A 111 -14.00 -10.43 -13.04
C VAL A 111 -13.25 -11.63 -12.46
N PHE A 112 -14.00 -12.61 -11.96
CA PHE A 112 -13.38 -13.81 -11.42
C PHE A 112 -14.39 -14.93 -11.19
N GLY A 113 -15.68 -14.60 -11.22
CA GLY A 113 -16.67 -15.67 -11.19
C GLY A 113 -16.61 -16.43 -9.88
N ASN A 114 -16.72 -17.76 -9.98
CA ASN A 114 -16.66 -18.66 -8.83
C ASN A 114 -15.24 -19.14 -8.54
N SER A 115 -14.25 -18.66 -9.28
CA SER A 115 -12.91 -19.25 -9.20
C SER A 115 -12.24 -18.94 -7.86
N THR A 116 -11.35 -19.83 -7.47
CA THR A 116 -10.39 -19.61 -6.41
C THR A 116 -9.00 -19.41 -7.05
N LEU A 117 -8.01 -19.19 -6.21
CA LEU A 117 -6.71 -18.73 -6.68
C LEU A 117 -6.17 -19.41 -7.92
N LEU A 118 -5.90 -20.70 -7.86
CA LEU A 118 -5.12 -21.31 -8.93
C LEU A 118 -5.90 -21.32 -10.24
N ASP A 119 -7.21 -21.58 -10.21
CA ASP A 119 -8.02 -21.45 -11.43
C ASP A 119 -8.05 -19.99 -11.93
N TRP A 120 -8.12 -19.03 -11.00
CA TRP A 120 -8.17 -17.62 -11.36
C TRP A 120 -6.88 -17.20 -12.03
N LEU A 121 -5.74 -17.68 -11.54
CA LEU A 121 -4.47 -17.41 -12.22
C LEU A 121 -4.53 -17.86 -13.68
N GLU A 122 -4.89 -19.12 -13.88
CA GLU A 122 -4.93 -19.70 -15.23
C GLU A 122 -5.92 -18.98 -16.11
N LYS A 123 -7.11 -18.67 -15.59
CA LYS A 123 -8.19 -18.25 -16.46
C LYS A 123 -8.11 -16.77 -16.79
N TYR A 124 -7.70 -15.94 -15.82
CA TYR A 124 -7.78 -14.49 -15.94
C TYR A 124 -6.45 -13.76 -15.88
N THR A 125 -5.56 -14.17 -14.98
CA THR A 125 -4.43 -13.33 -14.61
C THR A 125 -3.28 -13.47 -15.58
N PHE A 126 -2.82 -14.68 -15.87
CA PHE A 126 -1.78 -14.82 -16.86
C PHE A 126 -2.21 -14.26 -18.20
N PRO A 127 -3.46 -14.49 -18.64
CA PRO A 127 -3.89 -13.88 -19.91
C PRO A 127 -3.74 -12.36 -19.91
N ILE A 128 -4.24 -11.66 -18.88
CA ILE A 128 -4.22 -10.20 -18.91
C ILE A 128 -2.80 -9.70 -18.72
N GLU A 129 -2.01 -10.36 -17.87
CA GLU A 129 -0.64 -9.89 -17.67
C GLU A 129 0.14 -10.00 -18.96
N ALA A 130 -0.04 -11.11 -19.67
CA ALA A 130 0.64 -11.26 -20.97
C ALA A 130 0.17 -10.20 -21.95
N ALA A 131 -1.14 -9.94 -21.98
CA ALA A 131 -1.67 -8.92 -22.87
C ALA A 131 -0.97 -7.59 -22.68
N LEU A 132 -0.48 -7.33 -21.48
CA LEU A 132 0.12 -6.03 -21.21
C LEU A 132 1.54 -5.92 -21.73
N ALA A 133 2.03 -6.93 -22.44
CA ALA A 133 3.27 -6.74 -23.17
C ALA A 133 3.11 -5.68 -24.26
N ASN A 134 1.91 -5.53 -24.81
CA ASN A 134 1.54 -4.43 -25.69
C ASN A 134 1.66 -3.10 -24.95
N GLU A 135 2.62 -2.26 -25.34
CA GLU A 135 2.88 -1.02 -24.60
C GLU A 135 1.67 -0.10 -24.63
N ASN A 136 0.87 -0.16 -25.71
CA ASN A 136 -0.28 0.73 -25.79
C ASN A 136 -1.29 0.41 -24.69
N ILE A 137 -1.58 -0.87 -24.49
CA ILE A 137 -2.48 -1.31 -23.44
C ILE A 137 -1.89 -0.98 -22.08
N ALA A 138 -0.60 -1.30 -21.88
CA ALA A 138 -0.01 -1.10 -20.58
C ALA A 138 -0.04 0.36 -20.20
N ARG A 139 0.36 1.22 -21.12
CA ARG A 139 0.40 2.64 -20.86
C ARG A 139 -0.96 3.12 -20.41
N GLU A 140 -2.00 2.70 -21.11
CA GLU A 140 -3.37 3.03 -20.73
C GLU A 140 -3.70 2.51 -19.34
N VAL A 141 -3.38 1.24 -19.06
CA VAL A 141 -3.68 0.68 -17.75
C VAL A 141 -2.93 1.40 -16.66
N TYR A 142 -1.62 1.61 -16.85
CA TYR A 142 -0.83 2.25 -15.81
C TYR A 142 -1.34 3.65 -15.52
N ASN A 143 -1.65 4.44 -16.56
CA ASN A 143 -2.17 5.78 -16.33
C ASN A 143 -3.51 5.73 -15.57
N LYS A 144 -4.37 4.79 -15.92
CA LYS A 144 -5.64 4.65 -15.24
C LYS A 144 -5.44 4.32 -13.76
N VAL A 145 -4.61 3.30 -13.49
CA VAL A 145 -4.51 2.81 -12.11
C VAL A 145 -3.80 3.84 -11.22
N ILE A 146 -2.73 4.47 -11.72
CA ILE A 146 -2.06 5.48 -10.88
C ILE A 146 -3.01 6.63 -10.57
N SER A 147 -3.75 7.09 -11.57
CA SER A 147 -4.66 8.18 -11.38
C SER A 147 -5.80 7.78 -10.46
N LYS A 148 -6.30 6.56 -10.62
CA LYS A 148 -7.45 6.14 -9.84
C LYS A 148 -7.07 5.85 -8.40
N THR A 149 -5.94 5.17 -8.17
CA THR A 149 -5.54 4.98 -6.77
C THR A 149 -5.24 6.33 -6.11
N LEU A 150 -4.63 7.27 -6.85
CA LEU A 150 -4.45 8.59 -6.28
C LEU A 150 -5.79 9.20 -5.90
N SER A 151 -6.81 9.06 -6.75
CA SER A 151 -8.11 9.66 -6.49
C SER A 151 -8.83 9.01 -5.32
N HIS A 152 -8.45 7.80 -4.93
CA HIS A 152 -8.93 7.20 -3.69
C HIS A 152 -8.02 7.49 -2.49
N GLY A 153 -7.00 8.33 -2.68
CA GLY A 153 -6.13 8.69 -1.57
C GLY A 153 -4.91 7.81 -1.38
N THR A 154 -4.64 6.88 -2.29
CA THR A 154 -3.46 6.03 -2.14
C THR A 154 -2.23 6.81 -2.61
N THR A 155 -1.39 7.21 -1.67
CA THR A 155 -0.19 7.96 -2.00
C THR A 155 1.03 7.09 -2.21
N THR A 156 1.07 5.91 -1.59
CA THR A 156 2.20 4.98 -1.70
C THR A 156 1.63 3.62 -2.03
N VAL A 157 2.24 2.94 -3.01
CA VAL A 157 1.75 1.64 -3.45
C VAL A 157 2.91 0.79 -3.94
N ALA A 158 2.89 -0.47 -3.52
CA ALA A 158 3.76 -1.50 -4.05
C ALA A 158 3.01 -2.21 -5.17
N TYR A 159 3.53 -2.05 -6.38
CA TYR A 159 2.93 -2.57 -7.59
C TYR A 159 3.66 -3.84 -8.03
N TYR A 160 2.90 -4.91 -8.20
CA TYR A 160 3.35 -6.03 -9.02
C TYR A 160 2.96 -5.66 -10.43
N ASN A 161 3.89 -5.74 -11.37
CA ASN A 161 3.50 -5.52 -12.75
C ASN A 161 3.35 -6.86 -13.46
N THR A 162 4.24 -7.12 -14.40
CA THR A 162 4.26 -8.37 -15.15
C THR A 162 5.70 -8.83 -15.25
N ILE A 163 5.93 -9.93 -15.99
CA ILE A 163 7.30 -10.36 -16.23
C ILE A 163 8.01 -9.51 -17.27
N ASP A 164 7.30 -8.57 -17.88
CA ASP A 164 7.84 -7.82 -19.00
C ASP A 164 8.70 -6.67 -18.51
N LEU A 165 9.95 -6.64 -18.97
CA LEU A 165 10.89 -5.58 -18.59
C LEU A 165 10.43 -4.22 -19.09
N LYS A 166 10.12 -4.12 -20.39
CA LYS A 166 9.82 -2.81 -20.95
C LYS A 166 8.60 -2.17 -20.27
N SER A 167 7.55 -2.95 -20.02
CA SER A 167 6.34 -2.41 -19.41
CA SER A 167 6.36 -2.38 -19.42
C SER A 167 6.59 -2.02 -17.95
N THR A 168 7.43 -2.78 -17.26
CA THR A 168 7.73 -2.43 -15.89
C THR A 168 8.50 -1.11 -15.83
N LYS A 169 9.43 -0.90 -16.77
CA LYS A 169 10.13 0.37 -16.82
C LYS A 169 9.14 1.51 -17.06
N LEU A 170 8.19 1.31 -17.97
CA LEU A 170 7.21 2.34 -18.26
C LEU A 170 6.36 2.64 -17.03
N LEU A 171 5.91 1.60 -16.34
CA LEU A 171 5.19 1.82 -15.10
C LEU A 171 6.02 2.69 -14.16
N ALA A 172 7.32 2.40 -14.03
CA ALA A 172 8.14 3.23 -13.17
C ALA A 172 8.26 4.66 -13.73
N GLN A 173 8.33 4.80 -15.06
CA GLN A 173 8.41 6.14 -15.64
CA GLN A 173 8.40 6.13 -15.67
C GLN A 173 7.14 6.94 -15.35
N LEU A 174 5.97 6.34 -15.62
CA LEU A 174 4.73 7.06 -15.40
C LEU A 174 4.46 7.32 -13.91
N SER A 175 4.88 6.39 -13.05
CA SER A 175 4.82 6.68 -11.61
C SER A 175 5.62 7.94 -11.30
N SER A 176 6.88 7.99 -11.74
CA SER A 176 7.67 9.21 -11.55
C SER A 176 6.95 10.43 -12.09
N LEU A 177 6.45 10.33 -13.32
CA LEU A 177 5.77 11.45 -13.96
C LEU A 177 4.57 11.93 -13.14
N LEU A 178 3.72 11.02 -12.65
CA LEU A 178 2.45 11.40 -12.03
C LEU A 178 2.53 11.72 -10.55
N GLY A 179 3.65 11.45 -9.89
CA GLY A 179 3.87 11.90 -8.55
C GLY A 179 3.50 10.94 -7.44
N GLN A 180 3.09 9.73 -7.76
CA GLN A 180 2.79 8.75 -6.73
C GLN A 180 4.07 8.12 -6.20
N ARG A 181 4.07 7.82 -4.90
CA ARG A 181 5.18 7.10 -4.29
C ARG A 181 4.96 5.62 -4.54
N VAL A 182 5.93 4.95 -5.13
CA VAL A 182 5.72 3.58 -5.56
C VAL A 182 6.96 2.71 -5.31
N LEU A 183 6.72 1.42 -5.21
CA LEU A 183 7.68 0.37 -5.42
C LEU A 183 7.17 -0.36 -6.64
N VAL A 184 8.03 -0.56 -7.62
CA VAL A 184 7.62 -1.13 -8.90
C VAL A 184 8.40 -2.41 -9.09
N GLY A 185 7.69 -3.52 -9.20
CA GLY A 185 8.29 -4.83 -9.30
C GLY A 185 8.02 -5.42 -10.68
N LYS A 186 9.09 -5.88 -11.32
CA LYS A 186 8.96 -6.84 -12.41
C LYS A 186 8.74 -8.23 -11.79
N VAL A 187 7.64 -8.88 -12.19
CA VAL A 187 7.35 -10.21 -11.68
C VAL A 187 8.35 -11.22 -12.23
N CYS A 188 8.81 -12.12 -11.38
CA CYS A 188 9.68 -13.21 -11.80
C CYS A 188 8.89 -14.51 -11.78
N MET A 189 8.87 -15.20 -12.92
CA MET A 189 8.35 -16.56 -13.04
C MET A 189 9.26 -17.31 -13.98
N ASP A 190 9.89 -18.37 -13.52
CA ASP A 190 10.61 -19.26 -14.43
C ASP A 190 10.15 -20.70 -14.34
N THR A 191 9.13 -21.00 -13.52
CA THR A 191 8.58 -22.36 -13.46
C THR A 191 7.06 -22.31 -13.39
N ASN A 192 6.43 -23.38 -13.87
CA ASN A 192 5.01 -23.64 -13.64
C ASN A 192 4.09 -22.54 -14.17
N GLY A 193 4.49 -21.92 -15.26
CA GLY A 193 3.64 -20.97 -15.91
C GLY A 193 3.42 -21.45 -17.33
N PRO A 194 2.39 -20.94 -17.99
CA PRO A 194 2.17 -21.31 -19.39
C PRO A 194 3.33 -20.84 -20.26
N GLU A 195 3.53 -21.53 -21.38
CA GLU A 195 4.65 -21.20 -22.27
C GLU A 195 4.55 -19.76 -22.75
N TYR A 196 3.34 -19.21 -22.90
CA TYR A 196 3.18 -17.86 -23.41
C TYR A 196 3.49 -16.80 -22.37
N TYR A 197 3.66 -17.19 -21.11
CA TYR A 197 3.82 -16.22 -20.03
C TYR A 197 4.76 -16.88 -19.01
N ILE A 198 6.04 -16.95 -19.36
CA ILE A 198 7.04 -17.51 -18.47
C ILE A 198 8.38 -16.97 -18.92
N GLU A 199 9.33 -16.96 -18.00
CA GLU A 199 10.70 -16.60 -18.34
C GLU A 199 11.60 -17.81 -18.09
N ASP A 200 12.82 -17.76 -18.62
CA ASP A 200 13.80 -18.72 -18.12
C ASP A 200 14.56 -18.03 -16.98
N THR A 201 15.32 -18.82 -16.23
CA THR A 201 15.94 -18.35 -15.01
C THR A 201 16.84 -17.16 -15.28
N LYS A 202 17.69 -17.26 -16.30
CA LYS A 202 18.66 -16.20 -16.56
C LYS A 202 17.95 -14.91 -16.94
N THR A 203 16.96 -14.98 -17.83
CA THR A 203 16.21 -13.80 -18.20
C THR A 203 15.53 -13.18 -16.97
N SER A 204 14.89 -14.02 -16.17
CA SER A 204 14.14 -13.53 -15.02
C SER A 204 15.04 -12.77 -14.06
N PHE A 205 16.23 -13.32 -13.79
CA PHE A 205 17.15 -12.65 -12.90
C PHE A 205 17.68 -11.38 -13.52
N GLU A 206 18.19 -11.50 -14.76
CA GLU A 206 18.88 -10.38 -15.39
C GLU A 206 17.93 -9.23 -15.67
N SER A 207 16.69 -9.52 -16.05
CA SER A 207 15.75 -8.43 -16.25
CA SER A 207 15.72 -8.46 -16.24
C SER A 207 15.40 -7.79 -14.91
N THR A 208 15.49 -8.55 -13.81
CA THR A 208 15.30 -7.91 -12.51
C THR A 208 16.47 -7.00 -12.21
N VAL A 209 17.69 -7.46 -12.47
CA VAL A 209 18.86 -6.60 -12.28
C VAL A 209 18.69 -5.31 -13.07
N LYS A 210 18.28 -5.44 -14.33
CA LYS A 210 18.10 -4.28 -15.19
C LYS A 210 17.04 -3.33 -14.63
N VAL A 211 15.90 -3.87 -14.22
CA VAL A 211 14.83 -2.99 -13.78
C VAL A 211 15.23 -2.26 -12.51
N VAL A 212 15.96 -2.93 -11.63
CA VAL A 212 16.47 -2.28 -10.44
C VAL A 212 17.42 -1.15 -10.81
N LYS A 213 18.36 -1.45 -11.71
CA LYS A 213 19.28 -0.44 -12.18
C LYS A 213 18.55 0.72 -12.85
N TYR A 214 17.63 0.41 -13.75
CA TYR A 214 16.95 1.48 -14.47
C TYR A 214 16.20 2.39 -13.51
N ILE A 215 15.53 1.81 -12.53
CA ILE A 215 14.78 2.63 -11.58
C ILE A 215 15.74 3.45 -10.72
N ARG A 216 16.79 2.80 -10.22
CA ARG A 216 17.69 3.50 -9.30
C ARG A 216 18.52 4.54 -10.03
N GLU A 217 19.02 4.22 -11.23
CA GLU A 217 20.04 5.02 -11.88
C GLU A 217 19.49 5.87 -13.00
N THR A 218 18.40 5.46 -13.65
CA THR A 218 17.86 6.25 -14.73
C THR A 218 16.66 7.06 -14.28
N ILE A 219 15.64 6.40 -13.71
CA ILE A 219 14.47 7.11 -13.21
C ILE A 219 14.92 8.04 -12.09
N CYS A 220 15.75 7.54 -11.19
CA CYS A 220 16.46 8.31 -10.18
C CYS A 220 15.54 9.32 -9.51
N ASP A 221 14.48 8.80 -8.90
CA ASP A 221 13.43 9.61 -8.33
C ASP A 221 13.17 9.07 -6.92
N PRO A 222 13.31 9.89 -5.89
CA PRO A 222 13.10 9.39 -4.51
C PRO A 222 11.73 8.73 -4.31
N LEU A 223 10.72 9.12 -5.09
CA LEU A 223 9.40 8.55 -4.95
C LEU A 223 9.28 7.16 -5.57
N VAL A 224 10.21 6.75 -6.43
CA VAL A 224 10.09 5.51 -7.20
C VAL A 224 11.20 4.56 -6.83
N ASN A 225 10.82 3.42 -6.29
CA ASN A 225 11.77 2.45 -5.83
C ASN A 225 11.56 1.10 -6.52
N PRO A 226 12.62 0.35 -6.73
CA PRO A 226 12.47 -1.02 -7.22
C PRO A 226 12.03 -1.96 -6.11
N ILE A 227 11.51 -3.12 -6.51
CA ILE A 227 11.19 -4.15 -5.54
C ILE A 227 11.28 -5.51 -6.25
N VAL A 228 12.06 -6.41 -5.67
CA VAL A 228 12.26 -7.75 -6.25
C VAL A 228 11.00 -8.55 -6.00
N THR A 229 10.43 -9.10 -7.07
CA THR A 229 9.09 -9.68 -7.06
C THR A 229 9.10 -11.11 -7.60
N PRO A 230 9.61 -12.06 -6.81
CA PRO A 230 9.26 -13.47 -7.07
C PRO A 230 7.77 -13.63 -6.90
N ARG A 231 7.10 -14.13 -7.94
CA ARG A 231 5.63 -14.15 -7.91
C ARG A 231 5.12 -14.91 -6.67
N PHE A 232 5.52 -16.16 -6.53
CA PHE A 232 5.29 -16.99 -5.35
C PHE A 232 6.08 -18.26 -5.64
N ALA A 233 6.27 -19.04 -4.59
CA ALA A 233 7.20 -20.15 -4.64
C ALA A 233 6.96 -21.06 -5.84
N PRO A 234 5.73 -21.42 -6.21
CA PRO A 234 5.54 -22.32 -7.36
C PRO A 234 6.04 -21.74 -8.67
N SER A 235 6.20 -20.43 -8.76
CA SER A 235 6.64 -19.82 -10.00
CA SER A 235 6.64 -19.81 -9.99
C SER A 235 8.15 -19.61 -10.06
N CYS A 236 8.87 -19.89 -8.98
CA CYS A 236 10.29 -19.56 -8.93
C CYS A 236 11.11 -20.77 -8.55
N SER A 237 12.10 -21.06 -9.36
CA SER A 237 12.99 -22.17 -9.11
C SER A 237 13.86 -21.81 -7.93
N ARG A 238 14.44 -22.84 -7.32
CA ARG A 238 15.41 -22.63 -6.26
C ARG A 238 16.56 -21.75 -6.72
N GLU A 239 17.05 -21.98 -7.94
CA GLU A 239 18.17 -21.19 -8.46
C GLU A 239 17.79 -19.73 -8.59
N LEU A 240 16.61 -19.47 -9.14
CA LEU A 240 16.16 -18.09 -9.28
C LEU A 240 16.03 -17.43 -7.93
N MET A 241 15.39 -18.10 -6.98
CA MET A 241 15.23 -17.49 -5.67
C MET A 241 16.58 -17.15 -5.02
N GLN A 242 17.56 -18.05 -5.14
CA GLN A 242 18.86 -17.80 -4.54
C GLN A 242 19.59 -16.65 -5.23
N GLN A 243 19.51 -16.59 -6.55
CA GLN A 243 20.06 -15.46 -7.27
C GLN A 243 19.40 -14.15 -6.83
N LEU A 244 18.07 -14.12 -6.78
CA LEU A 244 17.39 -12.90 -6.37
C LEU A 244 17.74 -12.51 -4.95
N SER A 245 17.83 -13.51 -4.07
CA SER A 245 18.21 -13.29 -2.68
CA SER A 245 18.19 -13.27 -2.68
C SER A 245 19.55 -12.60 -2.57
N LYS A 246 20.52 -13.04 -3.38
CA LYS A 246 21.83 -12.41 -3.35
C LYS A 246 21.75 -10.98 -3.87
N LEU A 247 21.02 -10.77 -4.97
CA LEU A 247 20.77 -9.42 -5.44
C LEU A 247 20.16 -8.57 -4.34
N VAL A 248 19.19 -9.13 -3.62
CA VAL A 248 18.47 -8.38 -2.61
C VAL A 248 19.40 -7.98 -1.47
N LYS A 249 20.24 -8.92 -1.04
CA LYS A 249 21.20 -8.64 0.03
C LYS A 249 22.22 -7.60 -0.42
N ASP A 250 22.81 -7.80 -1.61
CA ASP A 250 23.90 -6.94 -2.06
C ASP A 250 23.44 -5.54 -2.39
N GLU A 251 22.22 -5.38 -2.90
CA GLU A 251 21.72 -4.08 -3.31
C GLU A 251 20.71 -3.50 -2.33
N ASN A 252 20.37 -4.24 -1.27
CA ASN A 252 19.50 -3.73 -0.23
C ASN A 252 18.16 -3.31 -0.83
N ILE A 253 17.47 -4.30 -1.40
CA ILE A 253 16.27 -4.06 -2.15
C ILE A 253 15.07 -4.64 -1.40
N HIS A 254 13.95 -3.96 -1.51
CA HIS A 254 12.71 -4.52 -1.03
C HIS A 254 12.42 -5.84 -1.77
N VAL A 255 11.62 -6.68 -1.14
CA VAL A 255 11.11 -7.89 -1.75
C VAL A 255 9.61 -7.96 -1.52
N GLN A 256 8.87 -8.47 -2.50
CA GLN A 256 7.45 -8.75 -2.29
C GLN A 256 7.10 -10.08 -2.93
N THR A 257 6.32 -10.88 -2.20
CA THR A 257 5.81 -12.12 -2.76
C THR A 257 4.54 -12.50 -1.99
N HIS A 258 3.83 -13.48 -2.54
CA HIS A 258 2.67 -14.04 -1.88
C HIS A 258 3.06 -15.18 -0.95
N LEU A 259 2.33 -15.31 0.15
CA LEU A 259 2.60 -16.37 1.11
C LEU A 259 1.31 -16.86 1.73
N SER A 260 1.10 -18.18 1.64
CA SER A 260 0.10 -18.89 2.42
C SER A 260 -1.29 -18.31 2.18
N GLU A 261 -1.65 -18.19 0.91
CA GLU A 261 -2.93 -17.58 0.57
C GLU A 261 -4.05 -18.62 0.49
N ASN A 262 -3.81 -19.77 -0.12
CA ASN A 262 -4.87 -20.67 -0.53
C ASN A 262 -4.39 -22.09 -0.26
N LYS A 263 -5.27 -22.95 0.21
CA LYS A 263 -4.85 -24.26 0.71
C LYS A 263 -4.31 -25.13 -0.40
N GLU A 264 -4.94 -25.11 -1.59
CA GLU A 264 -4.40 -25.86 -2.72
C GLU A 264 -3.00 -25.33 -3.07
N GLU A 265 -2.84 -24.01 -3.14
CA GLU A 265 -1.51 -23.42 -3.32
C GLU A 265 -0.53 -23.93 -2.27
N ILE A 266 -0.94 -23.94 -1.01
CA ILE A 266 -0.05 -24.41 0.05
C ILE A 266 0.34 -25.87 -0.18
N GLN A 267 -0.63 -26.71 -0.56
CA GLN A 267 -0.33 -28.10 -0.88
C GLN A 267 0.65 -28.19 -2.03
N TRP A 268 0.41 -27.42 -3.08
CA TRP A 268 1.31 -27.37 -4.21
C TRP A 268 2.73 -27.03 -3.77
N VAL A 269 2.89 -25.99 -2.95
CA VAL A 269 4.21 -25.62 -2.45
C VAL A 269 4.85 -26.79 -1.72
N GLN A 270 4.10 -27.42 -0.81
CA GLN A 270 4.62 -28.57 -0.09
C GLN A 270 5.08 -29.65 -1.07
N ASP A 271 4.26 -29.94 -2.06
CA ASP A 271 4.64 -30.92 -3.07
C ASP A 271 5.88 -30.51 -3.85
N LEU A 272 6.06 -29.22 -4.09
CA LEU A 272 7.14 -28.74 -4.93
C LEU A 272 8.45 -28.57 -4.15
N PHE A 273 8.36 -28.36 -2.85
CA PHE A 273 9.52 -28.09 -2.01
C PHE A 273 9.47 -29.01 -0.80
N PRO A 274 9.41 -30.33 -1.02
CA PRO A 274 9.35 -31.26 0.14
C PRO A 274 10.61 -31.26 0.98
N GLU A 275 11.70 -30.65 0.50
CA GLU A 275 12.91 -30.51 1.32
C GLU A 275 12.77 -29.39 2.35
N CYS A 276 11.72 -28.61 2.28
CA CYS A 276 11.50 -27.49 3.18
C CYS A 276 10.38 -27.85 4.15
N GLU A 277 10.31 -27.08 5.26
CA GLU A 277 9.42 -27.38 6.36
C GLU A 277 8.03 -26.80 6.15
N SER A 278 7.89 -25.86 5.23
CA SER A 278 6.68 -25.08 5.09
C SER A 278 6.90 -24.10 3.96
N TYR A 279 5.80 -23.50 3.50
CA TYR A 279 5.87 -22.44 2.51
C TYR A 279 6.84 -21.33 2.95
N THR A 280 6.64 -20.81 4.16
CA THR A 280 7.53 -19.77 4.68
C THR A 280 8.97 -20.23 4.66
N ASP A 281 9.22 -21.49 5.03
CA ASP A 281 10.58 -22.03 5.02
C ASP A 281 11.18 -22.08 3.62
N VAL A 282 10.36 -22.23 2.59
CA VAL A 282 10.89 -22.12 1.24
C VAL A 282 11.51 -20.75 1.05
N TYR A 283 10.74 -19.68 1.30
CA TYR A 283 11.34 -18.36 1.13
C TYR A 283 12.52 -18.14 2.08
N ASP A 284 12.42 -18.64 3.30
CA ASP A 284 13.51 -18.47 4.26
C ASP A 284 14.77 -19.18 3.79
N LYS A 285 14.63 -20.42 3.34
CA LYS A 285 15.81 -21.22 2.99
C LYS A 285 16.53 -20.66 1.78
N TYR A 286 15.79 -20.17 0.79
CA TYR A 286 16.39 -19.60 -0.39
C TYR A 286 16.55 -18.09 -0.31
N GLY A 287 16.44 -17.51 0.89
CA GLY A 287 17.02 -16.21 1.20
C GLY A 287 16.14 -15.00 0.96
N LEU A 288 14.85 -15.17 0.78
CA LEU A 288 13.99 -14.06 0.39
C LEU A 288 13.28 -13.39 1.57
N LEU A 289 13.46 -13.85 2.80
CA LEU A 289 12.79 -13.26 3.95
C LEU A 289 13.75 -12.27 4.60
N THR A 290 13.43 -10.97 4.48
CA THR A 290 14.29 -9.88 4.94
C THR A 290 13.41 -8.86 5.63
N GLU A 291 14.05 -7.90 6.31
CA GLU A 291 13.35 -6.79 6.95
C GLU A 291 12.50 -6.02 5.95
N LYS A 292 12.82 -6.10 4.66
CA LYS A 292 12.09 -5.41 3.61
C LYS A 292 11.33 -6.34 2.67
N THR A 293 10.98 -7.52 3.15
CA THR A 293 10.13 -8.45 2.42
C THR A 293 8.69 -8.18 2.81
N VAL A 294 7.85 -7.90 1.81
CA VAL A 294 6.42 -7.72 1.99
C VAL A 294 5.76 -9.05 1.59
N LEU A 295 5.15 -9.73 2.55
CA LEU A 295 4.50 -11.00 2.31
C LEU A 295 2.98 -10.78 2.22
N ALA A 296 2.42 -11.06 1.06
CA ALA A 296 0.99 -10.85 0.88
C ALA A 296 0.18 -12.03 1.39
N HIS A 297 -0.96 -11.71 1.98
CA HIS A 297 -2.02 -12.63 2.40
C HIS A 297 -1.76 -13.25 3.77
N CYS A 298 -0.82 -14.19 3.82
CA CYS A 298 -0.41 -14.86 5.05
C CYS A 298 -1.59 -15.28 5.90
N ILE A 299 -2.46 -16.07 5.32
CA ILE A 299 -3.67 -16.54 5.99
C ILE A 299 -3.42 -17.77 6.83
N HIS A 300 -2.85 -18.80 6.22
CA HIS A 300 -2.87 -20.15 6.74
C HIS A 300 -1.57 -20.50 7.44
N LEU A 301 -0.81 -19.49 7.78
CA LEU A 301 0.43 -19.71 8.49
C LEU A 301 0.25 -20.58 9.70
N THR A 302 1.18 -21.52 9.86
CA THR A 302 1.37 -22.20 11.14
C THR A 302 2.05 -21.25 12.12
N ASP A 303 2.00 -21.60 13.40
CA ASP A 303 2.72 -20.86 14.43
C ASP A 303 4.20 -20.74 14.09
N ALA A 304 4.82 -21.85 13.65
CA ALA A 304 6.23 -21.82 13.30
C ALA A 304 6.47 -20.85 12.14
N GLU A 305 5.61 -20.85 11.12
CA GLU A 305 5.81 -19.94 10.00
C GLU A 305 5.79 -18.50 10.48
N ALA A 306 4.76 -18.15 11.29
CA ALA A 306 4.63 -16.80 11.82
C ALA A 306 5.83 -16.42 12.65
N ARG A 307 6.41 -17.38 13.37
CA ARG A 307 7.60 -17.10 14.16
C ARG A 307 8.78 -16.75 13.28
N VAL A 308 8.96 -17.48 12.16
CA VAL A 308 10.04 -17.15 11.22
C VAL A 308 9.84 -15.76 10.66
N ILE A 309 8.60 -15.46 10.25
CA ILE A 309 8.30 -14.15 9.70
C ILE A 309 8.66 -13.07 10.72
N LYS A 310 8.35 -13.31 12.00
CA LYS A 310 8.72 -12.36 13.04
C LYS A 310 10.22 -12.23 13.15
N GLN A 311 10.93 -13.38 13.24
CA GLN A 311 12.36 -13.34 13.42
C GLN A 311 13.05 -12.62 12.24
N ARG A 312 12.57 -12.82 11.00
CA ARG A 312 13.15 -12.16 9.82
C ARG A 312 12.64 -10.74 9.64
N ARG A 313 11.66 -10.34 10.43
CA ARG A 313 11.13 -8.97 10.42
C ARG A 313 10.48 -8.59 9.09
N CYS A 314 9.85 -9.56 8.44
CA CYS A 314 9.07 -9.27 7.24
C CYS A 314 7.77 -8.61 7.62
N GLY A 315 7.22 -7.87 6.67
CA GLY A 315 5.91 -7.27 6.84
C GLY A 315 4.85 -8.04 6.07
N ILE A 316 3.61 -7.87 6.48
CA ILE A 316 2.51 -8.63 5.91
C ILE A 316 1.55 -7.66 5.23
N SER A 317 1.21 -7.96 3.99
CA SER A 317 0.15 -7.23 3.28
C SER A 317 -1.17 -8.00 3.44
N HIS A 318 -2.08 -7.42 4.20
CA HIS A 318 -3.40 -8.00 4.43
C HIS A 318 -4.35 -7.54 3.31
N CYS A 319 -4.89 -8.51 2.58
CA CYS A 319 -5.65 -8.23 1.37
C CYS A 319 -7.04 -8.84 1.53
N PRO A 320 -7.88 -8.24 2.39
CA PRO A 320 -9.13 -8.92 2.77
C PRO A 320 -10.10 -9.14 1.62
N ILE A 321 -10.19 -8.20 0.69
CA ILE A 321 -11.19 -8.33 -0.36
C ILE A 321 -10.87 -9.55 -1.23
N SER A 322 -9.66 -9.62 -1.72
CA SER A 322 -9.18 -10.82 -2.41
C SER A 322 -9.41 -12.09 -1.60
N ASN A 323 -9.03 -12.07 -0.32
CA ASN A 323 -9.12 -13.28 0.48
C ASN A 323 -10.55 -13.75 0.56
N SER A 324 -11.50 -12.81 0.62
CA SER A 324 -12.90 -13.22 0.69
C SER A 324 -13.44 -13.62 -0.69
N SER A 325 -13.09 -12.84 -1.72
CA SER A 325 -13.66 -13.05 -3.05
C SER A 325 -13.20 -14.37 -3.65
N LEU A 326 -11.95 -14.74 -3.40
CA LEU A 326 -11.40 -15.99 -3.89
C LEU A 326 -11.58 -17.12 -2.88
N THR A 327 -12.33 -16.90 -1.80
CA THR A 327 -12.56 -17.92 -0.79
C THR A 327 -11.22 -18.49 -0.32
N SER A 328 -10.24 -17.61 -0.17
CA SER A 328 -8.91 -18.03 0.23
C SER A 328 -8.86 -18.34 1.72
N GLY A 329 -9.48 -17.49 2.50
CA GLY A 329 -9.55 -17.67 3.93
C GLY A 329 -9.60 -16.29 4.59
N GLU A 330 -9.37 -16.30 5.90
CA GLU A 330 -9.39 -15.12 6.73
C GLU A 330 -8.02 -14.91 7.35
N CYS A 331 -7.38 -13.82 7.01
CA CYS A 331 -6.15 -13.44 7.64
C CYS A 331 -6.40 -13.15 9.12
N ARG A 332 -5.60 -13.77 9.97
CA ARG A 332 -5.68 -13.54 11.41
C ARG A 332 -4.85 -12.32 11.80
N VAL A 333 -5.37 -11.16 11.40
CA VAL A 333 -4.61 -9.92 11.55
C VAL A 333 -4.21 -9.69 13.01
N ARG A 334 -5.16 -9.86 13.92
CA ARG A 334 -4.86 -9.65 15.33
C ARG A 334 -3.77 -10.59 15.79
N TRP A 335 -3.88 -11.85 15.42
CA TRP A 335 -2.88 -12.84 15.80
C TRP A 335 -1.50 -12.46 15.29
N LEU A 336 -1.44 -11.91 14.07
CA LEU A 336 -0.15 -11.48 13.53
C LEU A 336 0.37 -10.25 14.26
N LEU A 337 -0.50 -9.28 14.49
CA LEU A 337 -0.10 -8.09 15.23
C LEU A 337 0.36 -8.46 16.63
N ASP A 338 -0.36 -9.36 17.30
CA ASP A 338 -0.03 -9.78 18.64
C ASP A 338 1.36 -10.38 18.74
N GLN A 339 1.91 -10.86 17.64
CA GLN A 339 3.25 -11.41 17.60
C GLN A 339 4.32 -10.38 17.25
N GLY A 340 3.94 -9.12 17.09
CA GLY A 340 4.90 -8.11 16.70
C GLY A 340 5.21 -8.05 15.24
N ILE A 341 4.46 -8.75 14.39
CA ILE A 341 4.63 -8.62 12.95
C ILE A 341 3.86 -7.39 12.49
N LYS A 342 4.46 -6.59 11.63
CA LYS A 342 3.78 -5.41 11.13
C LYS A 342 2.87 -5.81 10.01
N VAL A 343 1.72 -5.15 9.96
CA VAL A 343 0.70 -5.49 8.98
C VAL A 343 0.24 -4.20 8.30
N GLY A 344 0.16 -4.25 6.97
CA GLY A 344 -0.49 -3.20 6.23
C GLY A 344 -1.64 -3.78 5.45
N LEU A 345 -2.26 -2.91 4.67
CA LEU A 345 -3.38 -3.27 3.82
C LEU A 345 -2.92 -3.26 2.37
N GLY A 346 -3.50 -4.17 1.59
CA GLY A 346 -3.29 -4.21 0.17
C GLY A 346 -4.59 -4.41 -0.56
N THR A 347 -4.75 -3.76 -1.71
CA THR A 347 -5.98 -3.92 -2.46
C THR A 347 -5.97 -5.27 -3.14
N ASP A 348 -4.76 -5.74 -3.50
CA ASP A 348 -4.53 -6.90 -4.32
C ASP A 348 -5.35 -6.92 -5.61
N VAL A 349 -5.47 -5.79 -6.27
CA VAL A 349 -6.00 -5.78 -7.63
C VAL A 349 -5.26 -6.87 -8.43
N SER A 350 -6.00 -7.70 -9.17
CA SER A 350 -7.43 -7.63 -9.33
C SER A 350 -8.18 -8.73 -8.58
N ALA A 351 -7.45 -9.63 -7.92
CA ALA A 351 -8.14 -10.59 -7.05
C ALA A 351 -9.08 -9.84 -6.10
N GLY A 352 -8.65 -8.66 -5.64
CA GLY A 352 -9.52 -7.71 -4.98
C GLY A 352 -10.02 -6.70 -5.99
N HIS A 353 -11.32 -6.40 -5.95
CA HIS A 353 -11.90 -5.61 -7.04
C HIS A 353 -11.67 -4.11 -6.89
N SER A 354 -11.26 -3.66 -5.71
CA SER A 354 -11.24 -2.24 -5.42
C SER A 354 -9.83 -1.67 -5.43
N CYS A 355 -9.72 -0.46 -5.92
CA CYS A 355 -8.48 0.30 -5.85
C CYS A 355 -8.35 1.10 -4.57
N SER A 356 -9.32 1.02 -3.69
CA SER A 356 -9.37 1.87 -2.52
C SER A 356 -8.89 1.13 -1.26
N ILE A 357 -7.90 1.69 -0.59
CA ILE A 357 -7.48 1.21 0.72
C ILE A 357 -8.53 1.52 1.76
N LEU A 358 -9.38 2.52 1.50
CA LEU A 358 -10.48 2.76 2.41
C LEU A 358 -11.46 1.61 2.34
N THR A 359 -11.85 1.23 1.12
CA THR A 359 -12.66 0.03 0.93
C THR A 359 -11.98 -1.18 1.53
N THR A 360 -10.66 -1.32 1.28
CA THR A 360 -9.90 -2.43 1.85
C THR A 360 -10.00 -2.41 3.37
N GLY A 361 -9.87 -1.21 3.95
CA GLY A 361 -9.94 -1.08 5.39
C GLY A 361 -11.27 -1.53 5.96
N ARG A 362 -12.37 -1.11 5.33
CA ARG A 362 -13.70 -1.51 5.74
C ARG A 362 -13.85 -3.02 5.73
N GLN A 363 -13.24 -3.68 4.75
CA GLN A 363 -13.33 -5.13 4.66
C GLN A 363 -12.43 -5.80 5.68
N ALA A 364 -11.26 -5.21 5.95
CA ALA A 364 -10.44 -5.74 7.05
C ALA A 364 -11.25 -5.69 8.33
N PHE A 365 -12.00 -4.61 8.51
CA PHE A 365 -12.87 -4.48 9.67
C PHE A 365 -13.86 -5.63 9.71
N ALA A 366 -14.50 -5.91 8.57
CA ALA A 366 -15.49 -6.96 8.51
C ALA A 366 -14.86 -8.34 8.70
N VAL A 367 -13.72 -8.58 8.06
CA VAL A 367 -13.06 -9.88 8.17
C VAL A 367 -12.70 -10.16 9.62
N SER A 368 -12.21 -9.15 10.34
CA SER A 368 -11.82 -9.40 11.72
C SER A 368 -13.02 -9.83 12.56
N ARG A 369 -14.23 -9.41 12.16
CA ARG A 369 -15.43 -9.78 12.90
C ARG A 369 -15.94 -11.17 12.54
N HIS A 370 -15.75 -11.60 11.30
CA HIS A 370 -16.02 -12.99 10.96
C HIS A 370 -15.11 -13.89 11.78
N LEU A 371 -13.85 -13.52 11.90
CA LEU A 371 -12.98 -14.24 12.80
C LEU A 371 -13.51 -14.20 14.21
N ALA A 372 -13.88 -13.00 14.68
CA ALA A 372 -14.30 -12.85 16.08
C ALA A 372 -15.52 -13.71 16.38
N MET A 373 -16.42 -13.86 15.42
CA MET A 373 -17.61 -14.68 15.66
C MET A 373 -17.26 -16.06 16.23
N ARG A 374 -16.07 -16.58 15.90
CA ARG A 374 -15.62 -17.90 16.32
C ARG A 374 -14.45 -17.86 17.28
N GLU A 375 -13.57 -16.88 17.16
CA GLU A 375 -12.51 -16.69 18.13
C GLU A 375 -13.14 -15.95 19.30
N THR A 376 -12.61 -14.78 19.59
CA THR A 376 -13.23 -13.93 20.59
C THR A 376 -13.30 -12.52 20.01
N ASP A 377 -13.86 -11.61 20.81
CA ASP A 377 -13.82 -10.17 20.52
C ASP A 377 -12.39 -9.72 20.26
N HIS A 378 -11.41 -10.44 20.83
CA HIS A 378 -10.01 -10.01 20.71
C HIS A 378 -9.60 -9.85 19.24
N ALA A 379 -10.14 -10.71 18.36
CA ALA A 379 -9.73 -10.70 16.96
C ALA A 379 -10.21 -9.46 16.20
N LYS A 380 -11.11 -8.69 16.79
CA LYS A 380 -11.79 -7.59 16.14
C LYS A 380 -10.85 -6.42 16.00
N LEU A 381 -10.89 -5.76 14.86
CA LEU A 381 -10.16 -4.55 14.60
C LEU A 381 -11.10 -3.36 14.71
N SER A 382 -10.66 -2.32 15.37
CA SER A 382 -11.50 -1.13 15.47
C SER A 382 -11.36 -0.30 14.20
N VAL A 383 -12.24 0.69 14.04
CA VAL A 383 -12.08 1.68 12.98
C VAL A 383 -10.67 2.27 13.05
N SER A 384 -10.27 2.70 14.24
CA SER A 384 -8.97 3.33 14.39
C SER A 384 -7.87 2.39 13.96
N GLU A 385 -7.97 1.11 14.32
CA GLU A 385 -6.91 0.18 13.94
C GLU A 385 -6.85 -0.03 12.44
N CYS A 386 -7.99 -0.13 11.78
CA CYS A 386 -7.98 -0.32 10.33
C CYS A 386 -7.37 0.89 9.62
N LEU A 387 -7.74 2.08 10.06
CA LEU A 387 -7.12 3.30 9.54
C LEU A 387 -5.62 3.29 9.81
N PHE A 388 -5.21 2.79 10.96
CA PHE A 388 -3.78 2.63 11.21
C PHE A 388 -3.16 1.68 10.18
N LEU A 389 -3.79 0.51 10.00
CA LEU A 389 -3.28 -0.43 9.02
C LEU A 389 -3.20 0.23 7.66
N ALA A 390 -4.19 1.08 7.34
CA ALA A 390 -4.28 1.70 6.04
C ALA A 390 -3.18 2.74 5.81
N THR A 391 -2.54 3.19 6.88
CA THR A 391 -1.52 4.22 6.74
C THR A 391 -0.17 3.79 7.33
N MET A 392 0.00 4.00 8.62
CA MET A 392 1.22 3.63 9.31
C MET A 392 1.56 2.17 9.13
N GLY A 393 0.56 1.30 9.22
CA GLY A 393 0.80 -0.12 9.07
C GLY A 393 1.50 -0.40 7.76
N GLY A 394 0.97 0.16 6.69
CA GLY A 394 1.61 -0.01 5.39
C GLY A 394 3.00 0.58 5.37
N ALA A 395 3.19 1.74 6.00
CA ALA A 395 4.52 2.35 6.02
C ALA A 395 5.49 1.47 6.76
N GLN A 396 5.03 0.81 7.82
CA GLN A 396 5.90 -0.09 8.56
C GLN A 396 6.26 -1.29 7.71
N VAL A 397 5.28 -1.79 6.96
CA VAL A 397 5.53 -2.95 6.12
C VAL A 397 6.55 -2.62 5.05
N LEU A 398 6.49 -1.42 4.50
CA LEU A 398 7.44 -0.96 3.51
C LEU A 398 8.73 -0.43 4.13
N ARG A 399 8.83 -0.48 5.46
CA ARG A 399 9.94 0.12 6.20
C ARG A 399 10.14 1.58 5.83
N MET A 400 9.03 2.32 5.84
CA MET A 400 9.09 3.74 5.56
C MET A 400 8.37 4.55 6.62
N ASP A 401 8.11 3.96 7.76
CA ASP A 401 7.28 4.57 8.78
C ASP A 401 8.00 5.68 9.54
N GLU A 402 9.32 5.75 9.47
CA GLU A 402 10.03 6.93 9.99
C GLU A 402 9.71 8.16 9.14
N THR A 403 9.38 7.97 7.85
CA THR A 403 9.13 9.10 6.96
C THR A 403 7.70 9.22 6.44
N LEU A 404 6.86 8.22 6.67
CA LEU A 404 5.52 8.23 6.16
C LEU A 404 4.54 7.78 7.23
N GLY A 405 3.27 8.11 7.01
CA GLY A 405 2.16 7.49 7.71
C GLY A 405 1.45 8.39 8.68
N THR A 406 2.09 9.45 9.15
CA THR A 406 1.49 10.35 10.11
C THR A 406 1.95 11.78 9.85
N PHE A 407 1.20 12.73 10.37
CA PHE A 407 1.63 14.13 10.36
C PHE A 407 2.55 14.35 11.54
N ASP A 408 3.85 14.25 11.28
CA ASP A 408 4.83 14.46 12.33
C ASP A 408 6.04 15.11 11.68
N VAL A 409 6.84 15.80 12.52
CA VAL A 409 7.96 16.54 11.99
C VAL A 409 8.96 15.56 11.38
N GLY A 410 9.49 15.91 10.21
CA GLY A 410 10.45 15.10 9.52
C GLY A 410 9.84 14.14 8.52
N LYS A 411 8.53 13.89 8.62
CA LYS A 411 7.88 12.95 7.73
C LYS A 411 7.45 13.64 6.45
N GLN A 412 7.27 12.83 5.42
CA GLN A 412 6.77 13.30 4.13
C GLN A 412 5.33 13.74 4.27
N PHE A 413 5.00 14.84 3.60
CA PHE A 413 3.62 15.28 3.51
C PHE A 413 2.94 14.48 2.40
N ASP A 414 2.60 13.23 2.75
CA ASP A 414 1.73 12.38 1.92
C ASP A 414 0.38 12.43 2.59
N ALA A 415 -0.60 13.04 1.92
CA ALA A 415 -1.78 13.50 2.62
C ALA A 415 -2.94 13.62 1.66
N GLN A 416 -4.14 13.48 2.20
CA GLN A 416 -5.33 13.70 1.42
C GLN A 416 -6.26 14.60 2.22
N MET A 417 -6.97 15.44 1.49
CA MET A 417 -8.02 16.25 2.07
CA MET A 417 -8.03 16.25 2.05
C MET A 417 -9.33 15.46 1.96
N ILE A 418 -9.96 15.21 3.12
CA ILE A 418 -11.24 14.52 3.19
C ILE A 418 -12.30 15.58 3.46
N ASP A 419 -13.28 15.68 2.57
CA ASP A 419 -14.43 16.56 2.73
C ASP A 419 -15.64 15.66 2.81
N THR A 420 -16.19 15.51 4.03
CA THR A 420 -17.37 14.68 4.17
C THR A 420 -18.60 15.30 3.52
N ASN A 421 -18.55 16.58 3.15
CA ASN A 421 -19.63 17.16 2.36
C ASN A 421 -19.21 17.57 0.95
N ALA A 422 -18.18 16.93 0.42
CA ALA A 422 -17.90 17.06 -0.98
C ALA A 422 -19.14 16.72 -1.80
N PRO A 423 -19.22 17.19 -3.04
CA PRO A 423 -20.36 16.85 -3.90
C PRO A 423 -20.54 15.34 -4.01
N GLY A 424 -21.79 14.92 -3.93
CA GLY A 424 -22.16 13.53 -4.05
C GLY A 424 -21.86 12.66 -2.85
N SER A 425 -21.38 13.24 -1.75
CA SER A 425 -20.92 12.44 -0.62
C SER A 425 -22.04 11.57 -0.07
N ASN A 426 -21.71 10.33 0.27
CA ASN A 426 -22.60 9.47 1.07
C ASN A 426 -22.35 9.62 2.56
N VAL A 427 -21.51 10.55 2.97
CA VAL A 427 -21.27 10.80 4.38
C VAL A 427 -22.10 12.04 4.72
N ASP A 428 -23.25 11.80 5.33
CA ASP A 428 -24.19 12.85 5.69
C ASP A 428 -24.07 13.09 7.17
N MET A 429 -24.24 14.35 7.57
CA MET A 429 -24.49 14.66 8.97
C MET A 429 -25.54 15.75 9.06
N PHE A 430 -26.47 15.58 9.98
CA PHE A 430 -27.48 16.60 10.22
C PHE A 430 -26.91 17.63 11.16
N HIS A 431 -27.32 18.90 10.94
CA HIS A 431 -26.84 20.01 11.77
C HIS A 431 -27.02 19.72 13.25
N TRP A 432 -28.14 19.11 13.62
CA TRP A 432 -28.39 18.88 15.04
C TRP A 432 -27.51 17.78 15.64
N GLN A 433 -26.68 17.12 14.85
CA GLN A 433 -25.74 16.15 15.39
C GLN A 433 -24.40 16.77 15.75
N LEU A 434 -24.17 18.00 15.33
CA LEU A 434 -22.89 18.68 15.44
C LEU A 434 -22.94 19.85 16.40
N ASN A 454 -32.74 17.30 23.64
CA ASN A 454 -31.32 16.99 23.58
C ASN A 454 -30.98 15.74 22.72
N PRO A 455 -31.02 15.89 21.39
CA PRO A 455 -30.77 14.72 20.54
C PRO A 455 -29.28 14.36 20.55
N PRO A 456 -28.95 13.10 20.26
CA PRO A 456 -27.55 12.66 20.44
C PRO A 456 -26.64 13.37 19.47
N LEU A 457 -25.42 13.64 19.92
CA LEU A 457 -24.44 14.33 19.11
C LEU A 457 -23.32 13.36 18.71
N LEU A 458 -22.70 13.69 17.58
CA LEU A 458 -21.56 12.95 17.08
C LEU A 458 -20.27 13.49 17.67
N THR A 459 -19.38 12.59 18.07
CA THR A 459 -18.01 12.96 18.34
C THR A 459 -17.25 13.12 17.04
N ASN A 460 -16.04 13.70 17.15
CA ASN A 460 -15.11 13.73 16.03
C ASN A 460 -14.79 12.33 15.56
N GLU A 461 -14.60 11.38 16.50
CA GLU A 461 -14.36 9.99 16.16
C GLU A 461 -15.51 9.41 15.37
N ASP A 462 -16.75 9.76 15.73
CA ASP A 462 -17.91 9.29 14.97
C ASP A 462 -17.87 9.79 13.53
N ILE A 463 -17.48 11.05 13.35
CA ILE A 463 -17.43 11.61 12.01
C ILE A 463 -16.42 10.83 11.18
N ILE A 464 -15.26 10.57 11.78
CA ILE A 464 -14.25 9.76 11.07
C ILE A 464 -14.82 8.39 10.72
N ALA A 465 -15.61 7.80 11.63
CA ALA A 465 -16.16 6.46 11.37
C ALA A 465 -17.19 6.49 10.26
N LYS A 466 -17.96 7.57 10.17
CA LYS A 466 -18.90 7.73 9.06
C LYS A 466 -18.16 7.80 7.72
N TRP A 467 -17.01 8.46 7.69
CA TRP A 467 -16.21 8.46 6.47
C TRP A 467 -15.62 7.08 6.22
N PHE A 468 -15.15 6.42 7.29
CA PHE A 468 -14.60 5.08 7.14
C PHE A 468 -15.60 4.13 6.53
N PHE A 469 -16.85 4.20 6.95
CA PHE A 469 -17.78 3.20 6.48
C PHE A 469 -18.50 3.61 5.21
N ASN A 470 -18.84 4.88 5.06
CA ASN A 470 -19.58 5.30 3.88
C ASN A 470 -18.82 6.22 2.94
N GLY A 471 -17.57 6.56 3.26
CA GLY A 471 -16.82 7.41 2.38
C GLY A 471 -16.33 6.65 1.16
N ASP A 472 -16.01 7.40 0.13
CA ASP A 472 -15.27 6.84 -0.97
C ASP A 472 -14.42 7.94 -1.58
N ASP A 473 -14.03 7.75 -2.83
CA ASP A 473 -13.12 8.68 -3.50
C ASP A 473 -13.72 10.08 -3.58
N ARG A 474 -15.04 10.19 -3.67
CA ARG A 474 -15.66 11.50 -3.77
C ARG A 474 -15.33 12.39 -2.60
N ASN A 475 -14.97 11.83 -1.45
CA ASN A 475 -14.58 12.58 -0.29
C ASN A 475 -13.11 12.96 -0.28
N THR A 476 -12.28 12.26 -1.04
CA THR A 476 -10.88 12.62 -1.22
C THR A 476 -10.82 13.67 -2.33
N THR A 477 -10.68 14.94 -1.94
CA THR A 477 -10.74 16.05 -2.88
C THR A 477 -9.37 16.52 -3.35
N LYS A 478 -8.35 16.33 -2.54
CA LYS A 478 -6.98 16.69 -2.88
C LYS A 478 -6.07 15.62 -2.32
N VAL A 479 -4.99 15.33 -3.05
CA VAL A 479 -3.97 14.39 -2.58
C VAL A 479 -2.62 15.03 -2.79
N TRP A 480 -1.78 14.95 -1.78
CA TRP A 480 -0.42 15.41 -1.83
C TRP A 480 0.51 14.23 -1.64
N VAL A 481 1.57 14.19 -2.42
CA VAL A 481 2.68 13.26 -2.24
C VAL A 481 3.93 14.10 -2.15
N ALA A 482 4.71 13.88 -1.09
CA ALA A 482 5.97 14.61 -0.97
C ALA A 482 5.75 16.12 -1.08
N GLY A 483 4.68 16.59 -0.44
CA GLY A 483 4.36 17.99 -0.39
C GLY A 483 3.97 18.62 -1.70
N GLN A 484 3.73 17.81 -2.72
CA GLN A 484 3.24 18.26 -4.01
C GLN A 484 1.81 17.80 -4.14
N GLN A 485 0.95 18.64 -4.67
CA GLN A 485 -0.41 18.19 -4.98
C GLN A 485 -0.37 17.42 -6.29
N VAL A 486 -0.78 16.15 -6.23
CA VAL A 486 -0.77 15.28 -7.40
C VAL A 486 -2.17 14.98 -7.89
N TYR A 487 -3.19 15.38 -7.16
CA TYR A 487 -4.55 15.07 -7.56
C TYR A 487 -5.50 16.13 -7.05
N GLN A 488 -6.51 16.43 -7.86
CA GLN A 488 -7.53 17.41 -7.53
C GLN A 488 -8.85 16.87 -8.08
N ILE A 489 -9.85 16.73 -7.23
CA ILE A 489 -11.11 16.19 -7.70
C ILE A 489 -11.82 17.09 -8.76
N9 XAN B . -0.30 -15.65 -6.15
C4 XAN B . -1.17 -14.57 -6.20
N3 XAN B . -2.05 -13.97 -5.34
C2 XAN B . -2.79 -12.89 -5.70
O2 XAN B . -3.70 -12.39 -4.79
N1 XAN B . -2.70 -12.34 -6.93
C6 XAN B . -1.80 -12.89 -7.82
O6 XAN B . -1.60 -12.37 -9.09
C5 XAN B . -1.01 -14.03 -7.47
N7 XAN B . -0.07 -14.79 -8.11
C8 XAN B . 0.34 -15.77 -7.30
H8 XAN B . 0.97 -16.41 -7.51
ZN ZN C . -1.41 -10.56 -5.19
OH2 1PE D . 16.77 10.47 9.17
C12 1PE D . 16.00 11.14 8.20
C22 1PE D . 14.52 10.84 8.43
OH3 1PE D . 14.26 10.72 9.82
C13 1PE D . 12.37 12.13 10.15
C23 1PE D . 12.90 10.71 10.11
OH4 1PE D . 12.18 12.52 11.48
C14 1PE D . 12.81 14.36 12.90
C24 1PE D . 13.29 13.19 12.03
OH5 1PE D . 13.46 15.54 12.55
C15 1PE D . 13.42 17.73 11.53
C25 1PE D . 12.61 16.51 12.01
OH6 1PE D . 12.84 18.23 10.35
C16 1PE D . 14.08 18.47 8.27
C26 1PE D . 13.26 17.57 9.18
OH7 1PE D . 15.24 17.78 7.87
H121 1PE D . 16.25 10.83 7.32
H122 1PE D . 16.14 12.10 8.27
H221 1PE D . 14.29 10.00 8.00
H222 1PE D . 13.98 11.55 8.06
H131 1PE D . 13.02 12.73 9.73
H132 1PE D . 11.53 12.18 9.67
H231 1PE D . 12.77 10.29 10.99
H232 1PE D . 12.42 10.20 9.45
H141 1PE D . 13.00 14.15 13.83
H142 1PE D . 11.86 14.47 12.79
H241 1PE D . 13.84 13.54 11.31
H242 1PE D . 13.80 12.57 12.56
C12 1PE E . -11.42 11.73 -10.16
C22 1PE E . -11.27 13.19 -10.64
OH3 1PE E . -10.58 13.27 -11.86
C13 1PE E . -8.69 14.63 -11.36
C23 1PE E . -9.97 14.50 -12.19
OH4 1PE E . -7.55 15.01 -12.08
C14 1PE E . -5.29 15.93 -11.88
C24 1PE E . -6.36 14.99 -11.31
OH5 1PE E . -4.09 15.28 -12.31
C15 1PE E . -1.99 16.46 -11.85
C25 1PE E . -3.14 16.18 -12.84
OH6 1PE E . -2.10 17.72 -11.22
C16 1PE E . -3.19 18.97 -9.44
C26 1PE E . -2.43 17.70 -9.85
OH3 1PE F . -9.63 -24.28 19.44
C13 1PE F . -11.36 -22.80 19.99
C23 1PE F . -10.07 -23.47 20.48
OH4 1PE F . -11.59 -21.59 20.67
C14 1PE F . -11.64 -19.20 20.65
C24 1PE F . -11.64 -20.48 19.81
OH5 1PE F . -10.40 -19.02 21.26
C15 1PE F . -8.07 -18.56 21.24
C25 1PE F . -9.40 -18.39 20.50
OH6 1PE F . -6.96 -18.60 20.38
C16 1PE F . -5.96 -20.64 19.57
C26 1PE F . -6.04 -19.62 20.72
OH7 1PE F . -6.24 -21.94 20.06
S SO4 G . -18.42 -18.44 -13.62
O1 SO4 G . -17.78 -17.62 -14.65
O2 SO4 G . -19.10 -19.57 -14.27
O3 SO4 G . -17.37 -18.96 -12.69
O4 SO4 G . -19.42 -17.62 -12.91
S SO4 H . -25.00 16.87 -4.00
O1 SO4 H . -24.06 17.48 -4.95
O2 SO4 H . -25.63 15.69 -4.63
O3 SO4 H . -24.29 16.48 -2.79
O4 SO4 H . -26.04 17.84 -3.65
S SO4 I . -18.10 -0.82 -0.39
O1 SO4 I . -17.05 -0.18 -1.17
O2 SO4 I . -18.38 -2.15 -0.91
O3 SO4 I . -17.67 -0.96 0.99
O4 SO4 I . -19.32 -0.01 -0.45
#